data_4ONG
#
_entry.id   4ONG
#
_cell.length_a   40.04
_cell.length_b   84.94
_cell.length_c   175.69
_cell.angle_alpha   90.00
_cell.angle_beta   90.00
_cell.angle_gamma   90.00
#
_symmetry.space_group_name_H-M   'P 2 2 21'
#
loop_
_entity.id
_entity.type
_entity.pdbx_description
1 polymer '3D6 FAB ANTIBODY HEAVY CHAIN'
2 polymer '3D6 FAB ANTIBODY LIGHT CHAIN'
3 polymer 'Amyloid beta A4 protein'
4 non-polymer 'ZINC ION'
5 non-polymer IMIDAZOLE
6 non-polymer 'CHLORIDE ION'
7 water water
#
loop_
_entity_poly.entity_id
_entity_poly.type
_entity_poly.pdbx_seq_one_letter_code
_entity_poly.pdbx_strand_id
1 'polypeptide(L)'
;EVKLVESGGGLVKPGASLKLSCAASGFTFSNYGMSWVRQNSDKRLEWVASIRSGGGRTYYSDNVKGRFTISRENAKNTLY
LQMSSLKSEDTALYYCVRYDHYSGSSDYWGQGTTVTVSSAKTTPPSVYPLAPGSAAQTNSMVTLGCLVKGYFPEPVTVTW
NSGSLSSGVHTFPAVLQSDLYTLSSSVTVPSSTWPSETVTCNVAHPASSTKVDKKIVPRDCG
;
H
2 'polypeptide(L)'
;YVVMTQTPLTLSVTIGQPASISCKSSQSLLDSDGKTYLNWLLQRPGQSPKRLIYLVSKLDSGVPDRFTGSGSGTDFTLKI
SRIEAEDLGLYYCWQGTHFPRTFGGGTKLEIKRADAAPTVSIFPPSSEQLTSGGASVVCFLNNFYPKDINVKWKIDGSER
QNGVLNSWTDQDSKDSTYSMSSTLTLTKDEYERHNSYTCEATHKTSTSPIVKSFNRNEC
;
L
3 'polypeptide(L)' DAEFRHDSGYEVHHQKLVFFAEDVGSNKGAIIGLMVGGVV P
#
loop_
_chem_comp.id
_chem_comp.type
_chem_comp.name
_chem_comp.formula
CL non-polymer 'CHLORIDE ION' 'Cl -1'
IMD non-polymer IMIDAZOLE 'C3 H5 N2 1'
ZN non-polymer 'ZINC ION' 'Zn 2'
#
# COMPACT_ATOMS: atom_id res chain seq x y z
N GLU A 1 -8.45 17.95 -14.63
CA GLU A 1 -7.73 16.88 -13.95
C GLU A 1 -8.26 15.56 -14.50
N VAL A 2 -7.38 14.70 -15.00
CA VAL A 2 -7.78 13.32 -15.30
C VAL A 2 -8.00 12.55 -13.99
N LYS A 3 -9.18 11.95 -13.85
CA LYS A 3 -9.53 11.20 -12.63
C LYS A 3 -10.13 9.86 -13.04
N LEU A 4 -9.63 8.78 -12.42
CA LEU A 4 -10.19 7.46 -12.63
C LEU A 4 -10.50 6.89 -11.26
N VAL A 5 -11.75 6.51 -11.05
CA VAL A 5 -12.21 6.11 -9.74
C VAL A 5 -12.87 4.75 -9.81
N GLU A 6 -12.17 3.73 -9.30
CA GLU A 6 -12.66 2.36 -9.36
C GLU A 6 -13.58 2.10 -8.19
N SER A 7 -14.53 1.20 -8.41
CA SER A 7 -15.32 0.65 -7.31
C SER A 7 -15.85 -0.74 -7.66
N GLY A 8 -16.55 -1.34 -6.70
CA GLY A 8 -17.18 -2.63 -6.90
C GLY A 8 -16.33 -3.78 -6.36
N GLY A 9 -15.18 -3.47 -5.78
CA GLY A 9 -14.33 -4.52 -5.24
C GLY A 9 -14.82 -5.01 -3.89
N GLY A 10 -14.24 -6.09 -3.40
CA GLY A 10 -14.63 -6.61 -2.11
C GLY A 10 -14.47 -8.12 -2.08
N LEU A 11 -15.24 -8.77 -1.21
CA LEU A 11 -15.11 -10.20 -0.98
C LEU A 11 -15.99 -10.98 -1.96
N VAL A 12 -15.43 -12.02 -2.57
CA VAL A 12 -16.20 -12.90 -3.46
C VAL A 12 -15.69 -14.34 -3.28
N LYS A 13 -16.60 -15.31 -3.31
CA LYS A 13 -16.21 -16.71 -3.17
C LYS A 13 -15.50 -17.23 -4.41
N PRO A 14 -14.61 -18.22 -4.23
CA PRO A 14 -14.01 -18.91 -5.38
C PRO A 14 -15.09 -19.45 -6.33
N GLY A 15 -14.94 -19.24 -7.64
CA GLY A 15 -15.92 -19.70 -8.60
C GLY A 15 -17.05 -18.71 -8.89
N ALA A 16 -17.16 -17.67 -8.08
CA ALA A 16 -18.28 -16.75 -8.21
C ALA A 16 -17.94 -15.57 -9.10
N SER A 17 -18.84 -14.59 -9.14
CA SER A 17 -18.68 -13.45 -10.04
C SER A 17 -18.64 -12.10 -9.31
N LEU A 18 -17.96 -11.14 -9.92
CA LEU A 18 -17.92 -9.79 -9.39
C LEU A 18 -17.64 -8.81 -10.55
N LYS A 19 -18.36 -7.68 -10.57
CA LYS A 19 -18.17 -6.70 -11.62
C LYS A 19 -17.55 -5.43 -11.04
N LEU A 20 -16.42 -5.01 -11.61
CA LEU A 20 -15.77 -3.77 -11.19
C LEU A 20 -16.16 -2.68 -12.17
N SER A 21 -16.20 -1.43 -11.71
CA SER A 21 -16.46 -0.33 -12.60
C SER A 21 -15.40 0.73 -12.37
N CYS A 22 -15.20 1.59 -13.36
CA CYS A 22 -14.30 2.70 -13.18
C CYS A 22 -14.90 3.92 -13.84
N ALA A 23 -15.14 4.96 -13.05
CA ALA A 23 -15.70 6.20 -13.54
C ALA A 23 -14.59 7.16 -13.91
N ALA A 24 -14.61 7.61 -15.17
CA ALA A 24 -13.57 8.49 -15.68
C ALA A 24 -14.11 9.88 -15.82
N SER A 25 -13.27 10.87 -15.55
CA SER A 25 -13.64 12.25 -15.74
C SER A 25 -12.39 13.05 -16.04
N GLY A 26 -12.58 14.25 -16.59
CA GLY A 26 -11.45 15.13 -16.87
C GLY A 26 -10.88 14.96 -18.26
N PHE A 27 -11.48 14.08 -19.06
CA PHE A 27 -11.04 13.90 -20.43
C PHE A 27 -12.17 13.30 -21.26
N THR A 28 -12.02 13.31 -22.59
CA THR A 28 -13.05 12.74 -23.45
C THR A 28 -12.88 11.23 -23.46
N PHE A 29 -13.67 10.55 -22.62
CA PHE A 29 -13.53 9.13 -22.36
C PHE A 29 -13.51 8.29 -23.64
N SER A 30 -14.39 8.61 -24.58
CA SER A 30 -14.57 7.82 -25.81
C SER A 30 -13.39 7.91 -26.79
N ASN A 31 -12.47 8.85 -26.55
CA ASN A 31 -11.28 8.98 -27.39
C ASN A 31 -10.09 8.14 -26.93
N TYR A 32 -10.22 7.46 -25.81
CA TYR A 32 -9.08 6.78 -25.19
C TYR A 32 -9.29 5.29 -25.00
N GLY A 33 -8.26 4.51 -25.31
CA GLY A 33 -8.23 3.11 -24.91
C GLY A 33 -8.08 3.06 -23.39
N MET A 34 -8.50 1.95 -22.81
CA MET A 34 -8.46 1.77 -21.36
C MET A 34 -8.03 0.35 -21.02
N SER A 35 -7.45 0.17 -19.84
N SER A 35 -7.45 0.18 -19.85
CA SER A 35 -7.01 -1.16 -19.42
CA SER A 35 -6.99 -1.13 -19.39
C SER A 35 -7.12 -1.37 -17.91
C SER A 35 -7.33 -1.38 -17.92
N TRP A 36 -7.20 -2.64 -17.51
CA TRP A 36 -7.16 -3.02 -16.11
C TRP A 36 -5.81 -3.65 -15.87
N VAL A 37 -5.17 -3.28 -14.77
CA VAL A 37 -3.87 -3.84 -14.40
C VAL A 37 -3.97 -4.17 -12.94
N ARG A 38 -3.48 -5.33 -12.54
CA ARG A 38 -3.59 -5.68 -11.12
C ARG A 38 -2.23 -5.72 -10.46
N GLN A 39 -2.23 -5.50 -9.15
CA GLN A 39 -1.01 -5.54 -8.37
C GLN A 39 -1.20 -6.51 -7.22
N ASN A 40 -0.25 -7.43 -7.04
CA ASN A 40 -0.36 -8.41 -5.96
C ASN A 40 0.33 -7.98 -4.66
N SER A 41 0.30 -8.86 -3.65
CA SER A 41 0.89 -8.58 -2.34
C SER A 41 2.40 -8.41 -2.42
N ASP A 42 3.02 -9.04 -3.41
CA ASP A 42 4.47 -8.90 -3.58
C ASP A 42 4.80 -7.69 -4.46
N LYS A 43 3.78 -6.88 -4.73
CA LYS A 43 3.90 -5.64 -5.52
C LYS A 43 4.24 -5.92 -6.99
N ARG A 44 3.96 -7.13 -7.45
CA ARG A 44 4.09 -7.43 -8.87
C ARG A 44 2.93 -6.82 -9.62
N LEU A 45 3.23 -6.16 -10.74
CA LEU A 45 2.20 -5.59 -11.61
C LEU A 45 1.90 -6.53 -12.77
N GLU A 46 0.61 -6.74 -13.04
CA GLU A 46 0.21 -7.68 -14.08
C GLU A 46 -0.96 -7.16 -14.91
N TRP A 47 -0.74 -6.98 -16.20
CA TRP A 47 -1.82 -6.54 -17.08
C TRP A 47 -2.94 -7.57 -17.15
N VAL A 48 -4.17 -7.09 -17.14
CA VAL A 48 -5.34 -7.97 -17.09
C VAL A 48 -6.13 -7.96 -18.42
N ALA A 49 -6.56 -6.78 -18.85
CA ALA A 49 -7.40 -6.66 -20.03
C ALA A 49 -7.36 -5.23 -20.54
N SER A 50 -7.59 -5.09 -21.85
CA SER A 50 -7.61 -3.78 -22.49
C SER A 50 -8.78 -3.69 -23.43
N ILE A 51 -9.27 -2.47 -23.63
CA ILE A 51 -10.32 -2.25 -24.61
C ILE A 51 -10.06 -0.95 -25.38
N ARG A 52 -10.18 -1.01 -26.70
CA ARG A 52 -9.96 0.18 -27.52
C ARG A 52 -11.09 1.21 -27.37
N SER A 53 -10.82 2.43 -27.86
CA SER A 53 -11.69 3.57 -27.59
C SER A 53 -13.17 3.37 -28.00
N GLY A 54 -13.38 2.79 -29.17
CA GLY A 54 -14.73 2.54 -29.65
C GLY A 54 -15.37 1.29 -29.07
N GLY A 55 -14.64 0.61 -28.18
CA GLY A 55 -15.15 -0.60 -27.54
C GLY A 55 -15.28 -1.81 -28.45
N GLY A 56 -14.74 -1.70 -29.67
CA GLY A 56 -14.87 -2.75 -30.66
C GLY A 56 -13.92 -3.91 -30.44
N ARG A 57 -12.79 -3.65 -29.80
CA ARG A 57 -11.75 -4.66 -29.65
C ARG A 57 -11.29 -4.78 -28.21
N THR A 58 -11.21 -6.03 -27.76
CA THR A 58 -10.90 -6.31 -26.37
C THR A 58 -9.73 -7.29 -26.33
N TYR A 59 -8.89 -7.14 -25.32
CA TYR A 59 -7.70 -8.00 -25.18
C TYR A 59 -7.63 -8.51 -23.75
N TYR A 60 -7.17 -9.75 -23.59
CA TYR A 60 -7.11 -10.40 -22.28
C TYR A 60 -5.79 -11.15 -22.09
N SER A 61 -5.27 -11.18 -20.87
CA SER A 61 -4.08 -12.00 -20.63
C SER A 61 -4.56 -13.44 -20.61
N ASP A 62 -3.64 -14.37 -20.83
CA ASP A 62 -3.96 -15.80 -20.82
C ASP A 62 -4.53 -16.24 -19.45
N ASN A 63 -4.14 -15.55 -18.38
CA ASN A 63 -4.66 -15.83 -17.03
C ASN A 63 -6.16 -15.65 -16.84
N VAL A 64 -6.75 -14.69 -17.55
CA VAL A 64 -8.15 -14.35 -17.30
C VAL A 64 -9.04 -14.55 -18.51
N LYS A 65 -8.43 -14.90 -19.65
CA LYS A 65 -9.17 -15.00 -20.88
C LYS A 65 -10.19 -16.12 -20.78
N GLY A 66 -11.40 -15.87 -21.25
CA GLY A 66 -12.47 -16.84 -21.14
C GLY A 66 -13.18 -16.72 -19.81
N ARG A 67 -12.60 -15.96 -18.87
CA ARG A 67 -13.21 -15.79 -17.55
C ARG A 67 -13.66 -14.36 -17.29
N PHE A 68 -12.90 -13.37 -17.75
CA PHE A 68 -13.24 -11.96 -17.49
C PHE A 68 -13.75 -11.33 -18.78
N THR A 69 -14.59 -10.30 -18.63
CA THR A 69 -15.05 -9.51 -19.79
C THR A 69 -14.85 -8.02 -19.49
N ILE A 70 -14.03 -7.37 -20.30
CA ILE A 70 -13.87 -5.93 -20.17
C ILE A 70 -14.91 -5.28 -21.08
N SER A 71 -15.51 -4.20 -20.64
CA SER A 71 -16.43 -3.44 -21.49
C SER A 71 -16.44 -1.98 -21.08
N ARG A 72 -17.13 -1.15 -21.85
CA ARG A 72 -17.24 0.27 -21.51
C ARG A 72 -18.57 0.81 -21.99
N GLU A 73 -19.11 1.78 -21.25
CA GLU A 73 -20.27 2.54 -21.70
C GLU A 73 -19.85 4.00 -21.85
N ASN A 74 -19.59 4.43 -23.09
CA ASN A 74 -19.03 5.75 -23.35
C ASN A 74 -19.92 6.89 -22.90
N ALA A 75 -21.23 6.75 -23.10
CA ALA A 75 -22.17 7.79 -22.69
C ALA A 75 -22.26 7.92 -21.17
N LYS A 76 -21.69 6.97 -20.44
CA LYS A 76 -21.67 7.05 -18.99
C LYS A 76 -20.26 7.24 -18.44
N ASN A 77 -19.29 7.42 -19.33
CA ASN A 77 -17.88 7.53 -18.97
C ASN A 77 -17.44 6.43 -18.02
N THR A 78 -17.89 5.21 -18.27
CA THR A 78 -17.58 4.12 -17.35
C THR A 78 -16.91 2.92 -18.04
N LEU A 79 -15.84 2.44 -17.41
CA LEU A 79 -15.17 1.20 -17.83
C LEU A 79 -15.61 0.08 -16.86
N TYR A 80 -15.84 -1.13 -17.37
CA TYR A 80 -16.21 -2.26 -16.52
C TYR A 80 -15.25 -3.43 -16.66
N LEU A 81 -15.12 -4.21 -15.59
CA LEU A 81 -14.47 -5.51 -15.68
C LEU A 81 -15.39 -6.55 -15.03
N GLN A 82 -16.08 -7.33 -15.85
CA GLN A 82 -16.92 -8.41 -15.34
C GLN A 82 -16.05 -9.64 -15.12
N MET A 83 -15.89 -10.01 -13.86
CA MET A 83 -15.06 -11.17 -13.52
C MET A 83 -15.98 -12.34 -13.22
N SER A 84 -15.64 -13.52 -13.74
CA SER A 84 -16.38 -14.71 -13.38
C SER A 84 -15.42 -15.87 -13.15
N SER A 85 -15.95 -16.99 -12.66
CA SER A 85 -15.12 -18.13 -12.23
C SER A 85 -13.86 -17.67 -11.51
N LEU A 86 -14.04 -16.84 -10.50
CA LEU A 86 -12.90 -16.28 -9.77
C LEU A 86 -12.08 -17.34 -9.02
N LYS A 87 -10.75 -17.16 -9.05
CA LYS A 87 -9.81 -18.04 -8.38
C LYS A 87 -9.11 -17.28 -7.27
N SER A 88 -8.61 -17.98 -6.25
CA SER A 88 -7.92 -17.28 -5.18
C SER A 88 -6.73 -16.48 -5.71
N GLU A 89 -6.12 -16.93 -6.82
CA GLU A 89 -5.00 -16.22 -7.43
C GLU A 89 -5.40 -14.86 -8.02
N ASP A 90 -6.70 -14.66 -8.24
CA ASP A 90 -7.23 -13.38 -8.72
C ASP A 90 -7.24 -12.29 -7.63
N THR A 91 -7.00 -12.67 -6.37
CA THR A 91 -6.95 -11.69 -5.28
C THR A 91 -5.85 -10.66 -5.54
N ALA A 92 -6.21 -9.38 -5.53
CA ALA A 92 -5.25 -8.31 -5.83
C ALA A 92 -5.91 -6.93 -5.79
N LEU A 93 -5.07 -5.90 -5.91
CA LEU A 93 -5.55 -4.54 -6.13
C LEU A 93 -5.70 -4.30 -7.65
N TYR A 94 -6.91 -3.96 -8.10
CA TYR A 94 -7.16 -3.73 -9.54
C TYR A 94 -7.19 -2.26 -9.84
N TYR A 95 -6.37 -1.84 -10.80
CA TYR A 95 -6.31 -0.45 -11.24
C TYR A 95 -6.99 -0.27 -12.58
N CYS A 96 -7.67 0.86 -12.74
CA CYS A 96 -8.19 1.36 -14.00
C CYS A 96 -7.07 2.22 -14.59
N VAL A 97 -6.69 2.00 -15.85
CA VAL A 97 -5.53 2.68 -16.41
C VAL A 97 -5.83 3.21 -17.81
N ARG A 98 -5.54 4.48 -18.06
CA ARG A 98 -5.80 5.10 -19.37
C ARG A 98 -4.65 4.88 -20.36
N TYR A 99 -4.98 4.57 -21.61
CA TYR A 99 -3.96 4.48 -22.66
C TYR A 99 -3.90 5.73 -23.54
N ASP A 100 -2.70 6.24 -23.77
CA ASP A 100 -2.52 7.48 -24.52
C ASP A 100 -1.98 7.25 -25.93
N SER A 103 1.21 9.29 -26.94
CA SER A 103 2.53 9.03 -26.37
C SER A 103 2.87 7.54 -26.37
N GLY A 104 1.97 6.73 -26.91
CA GLY A 104 2.23 5.31 -27.07
C GLY A 104 2.21 4.47 -25.81
N SER A 105 1.76 5.05 -24.68
CA SER A 105 1.71 4.27 -23.46
C SER A 105 0.56 4.60 -22.53
N SER A 106 0.42 3.75 -21.51
CA SER A 106 -0.51 3.99 -20.42
C SER A 106 -0.04 5.21 -19.66
N ASP A 107 -0.94 6.14 -19.34
CA ASP A 107 -0.53 7.32 -18.58
C ASP A 107 -1.16 7.42 -17.18
N TYR A 108 -2.46 7.64 -17.11
CA TYR A 108 -3.09 7.84 -15.81
C TYR A 108 -3.59 6.53 -15.21
N TRP A 109 -3.32 6.37 -13.90
CA TRP A 109 -3.78 5.20 -13.16
C TRP A 109 -4.82 5.63 -12.14
N GLY A 110 -5.81 4.79 -11.87
CA GLY A 110 -6.76 5.11 -10.82
C GLY A 110 -6.18 4.84 -9.44
N GLN A 111 -7.04 4.81 -8.44
CA GLN A 111 -6.60 4.59 -7.06
C GLN A 111 -6.63 3.09 -6.72
N GLY A 112 -7.36 2.32 -7.51
CA GLY A 112 -7.42 0.88 -7.34
C GLY A 112 -8.55 0.41 -6.43
N THR A 113 -9.07 -0.77 -6.71
CA THR A 113 -10.09 -1.37 -5.86
C THR A 113 -9.67 -2.80 -5.54
N THR A 114 -9.86 -3.20 -4.29
CA THR A 114 -9.36 -4.48 -3.81
C THR A 114 -10.35 -5.62 -4.00
N VAL A 115 -9.90 -6.67 -4.65
CA VAL A 115 -10.73 -7.85 -4.82
C VAL A 115 -10.11 -8.97 -3.98
N THR A 116 -10.90 -9.56 -3.10
CA THR A 116 -10.45 -10.69 -2.29
C THR A 116 -11.31 -11.91 -2.61
N VAL A 117 -10.67 -12.98 -3.09
CA VAL A 117 -11.36 -14.22 -3.38
C VAL A 117 -11.16 -15.20 -2.25
N SER A 118 -12.20 -15.46 -1.48
CA SER A 118 -12.07 -16.19 -0.25
C SER A 118 -13.38 -16.83 0.13
N SER A 119 -13.32 -17.90 0.92
CA SER A 119 -14.51 -18.54 1.46
C SER A 119 -14.88 -17.99 2.85
N ALA A 120 -14.03 -17.16 3.43
CA ALA A 120 -14.34 -16.58 4.74
C ALA A 120 -15.47 -15.56 4.68
N LYS A 121 -16.08 -15.32 5.82
CA LYS A 121 -17.19 -14.39 5.91
C LYS A 121 -16.73 -12.96 6.15
N THR A 122 -17.55 -12.02 5.72
CA THR A 122 -17.31 -10.62 6.06
C THR A 122 -17.53 -10.43 7.55
N THR A 123 -16.62 -9.72 8.20
CA THR A 123 -16.85 -9.37 9.59
C THR A 123 -16.27 -7.98 9.88
N PRO A 124 -17.06 -7.11 10.51
CA PRO A 124 -16.66 -5.73 10.79
C PRO A 124 -15.56 -5.70 11.85
N PRO A 125 -14.78 -4.62 11.91
CA PRO A 125 -13.68 -4.51 12.89
C PRO A 125 -14.16 -4.26 14.33
N SER A 126 -13.42 -4.71 15.32
CA SER A 126 -13.61 -4.20 16.68
C SER A 126 -12.58 -3.09 16.83
N VAL A 127 -12.99 -1.95 17.38
CA VAL A 127 -12.08 -0.80 17.43
C VAL A 127 -11.80 -0.43 18.88
N TYR A 128 -10.53 -0.48 19.28
CA TYR A 128 -10.21 -0.24 20.67
C TYR A 128 -9.33 1.00 20.80
N PRO A 129 -9.77 1.98 21.60
CA PRO A 129 -9.00 3.22 21.82
C PRO A 129 -7.79 2.91 22.70
N LEU A 130 -6.64 3.55 22.43
CA LEU A 130 -5.43 3.31 23.22
C LEU A 130 -4.99 4.62 23.84
N ALA A 131 -5.22 4.76 25.14
CA ALA A 131 -4.86 5.98 25.85
C ALA A 131 -3.55 5.73 26.62
N PRO A 132 -2.75 6.79 26.83
CA PRO A 132 -1.47 6.78 27.57
C PRO A 132 -1.66 6.76 29.09
N SER A 140 5.74 16.33 26.66
CA SER A 140 5.71 17.38 25.63
C SER A 140 4.81 17.03 24.42
N MET A 141 5.05 15.88 23.83
CA MET A 141 4.11 15.31 22.87
C MET A 141 3.51 14.13 23.57
N VAL A 142 2.28 13.79 23.20
CA VAL A 142 1.67 12.56 23.68
C VAL A 142 1.21 11.76 22.48
N THR A 143 1.42 10.44 22.53
CA THR A 143 1.01 9.54 21.47
C THR A 143 -0.23 8.75 21.90
N LEU A 144 -1.26 8.76 21.04
CA LEU A 144 -2.53 8.09 21.29
C LEU A 144 -2.71 7.04 20.19
N GLY A 145 -3.56 6.05 20.41
CA GLY A 145 -3.67 4.95 19.49
C GLY A 145 -5.07 4.40 19.28
N CYS A 146 -5.19 3.60 18.23
CA CYS A 146 -6.41 2.90 17.87
C CYS A 146 -6.01 1.50 17.43
N LEU A 147 -6.55 0.47 18.09
CA LEU A 147 -6.37 -0.90 17.64
C LEU A 147 -7.61 -1.39 16.88
N VAL A 148 -7.41 -1.85 15.65
CA VAL A 148 -8.52 -2.25 14.77
C VAL A 148 -8.44 -3.76 14.52
N LYS A 149 -9.31 -4.51 15.16
CA LYS A 149 -9.08 -5.94 15.25
C LYS A 149 -10.22 -6.79 14.73
N GLY A 150 -9.85 -7.90 14.08
CA GLY A 150 -10.79 -8.95 13.73
C GLY A 150 -11.76 -8.63 12.60
N TYR A 151 -11.26 -8.01 11.55
CA TYR A 151 -12.13 -7.73 10.40
C TYR A 151 -11.69 -8.48 9.17
N PHE A 152 -12.56 -8.52 8.16
CA PHE A 152 -12.32 -9.22 6.91
C PHE A 152 -13.42 -8.80 5.96
N PRO A 153 -13.10 -8.55 4.69
CA PRO A 153 -11.75 -8.51 4.11
C PRO A 153 -11.13 -7.10 4.27
N GLU A 154 -9.92 -6.91 3.73
CA GLU A 154 -9.35 -5.58 3.54
C GLU A 154 -10.18 -4.82 2.49
N PRO A 155 -10.18 -3.47 2.53
CA PRO A 155 -9.44 -2.62 3.46
C PRO A 155 -10.34 -2.00 4.52
N VAL A 156 -9.72 -1.41 5.53
CA VAL A 156 -10.39 -0.39 6.32
C VAL A 156 -9.68 0.93 6.02
N THR A 157 -10.35 2.05 6.29
CA THR A 157 -9.64 3.32 6.30
C THR A 157 -9.73 3.96 7.69
N VAL A 158 -8.59 4.44 8.19
CA VAL A 158 -8.51 5.13 9.48
C VAL A 158 -8.20 6.61 9.32
N THR A 159 -8.97 7.43 10.00
CA THR A 159 -8.71 8.85 10.11
C THR A 159 -8.80 9.22 11.58
N TRP A 160 -8.34 10.41 11.89
CA TRP A 160 -8.40 10.93 13.25
C TRP A 160 -9.12 12.26 13.19
N ASN A 161 -10.08 12.45 14.10
CA ASN A 161 -10.96 13.60 14.08
C ASN A 161 -11.58 13.84 12.70
N SER A 162 -12.00 12.74 12.06
CA SER A 162 -12.61 12.77 10.73
C SER A 162 -11.69 13.36 9.69
N GLY A 163 -10.39 13.16 9.84
CA GLY A 163 -9.43 13.70 8.90
C GLY A 163 -8.81 15.04 9.26
N SER A 164 -9.31 15.72 10.30
CA SER A 164 -8.78 17.04 10.68
CA SER A 164 -8.76 17.04 10.62
C SER A 164 -7.40 16.96 11.33
N LEU A 165 -7.04 15.79 11.82
CA LEU A 165 -5.69 15.53 12.33
C LEU A 165 -5.02 14.56 11.35
N SER A 166 -3.89 14.98 10.76
CA SER A 166 -3.16 14.13 9.84
C SER A 166 -1.64 14.24 9.98
N SER A 167 -1.16 15.36 10.52
CA SER A 167 0.28 15.58 10.62
C SER A 167 0.99 14.55 11.51
N GLY A 168 0.41 14.23 12.66
CA GLY A 168 1.07 13.32 13.56
C GLY A 168 0.63 11.86 13.46
N VAL A 169 0.07 11.46 12.31
CA VAL A 169 -0.55 10.16 12.18
C VAL A 169 0.33 9.11 11.47
N HIS A 170 0.44 7.94 12.08
CA HIS A 170 1.05 6.79 11.44
C HIS A 170 0.04 5.63 11.48
N THR A 171 -0.31 5.10 10.30
CA THR A 171 -1.25 3.98 10.24
C THR A 171 -0.51 2.79 9.71
N PHE A 172 -0.55 1.69 10.46
CA PHE A 172 0.24 0.50 10.10
C PHE A 172 -0.58 -0.46 9.26
N PRO A 173 0.03 -0.98 8.18
CA PRO A 173 -0.66 -1.92 7.28
C PRO A 173 -1.22 -3.09 8.06
N ALA A 174 -2.35 -3.59 7.60
CA ALA A 174 -3.00 -4.71 8.26
C ALA A 174 -2.16 -5.95 8.15
N VAL A 175 -2.27 -6.82 9.14
CA VAL A 175 -1.64 -8.12 9.12
C VAL A 175 -2.73 -9.18 9.27
N LEU A 176 -2.64 -10.23 8.45
CA LEU A 176 -3.66 -11.27 8.40
C LEU A 176 -3.30 -12.44 9.30
N GLN A 177 -4.26 -12.88 10.11
CA GLN A 177 -4.11 -14.05 10.94
C GLN A 177 -5.45 -14.81 10.96
N SER A 178 -5.49 -15.96 10.28
CA SER A 178 -6.66 -16.84 10.27
C SER A 178 -7.87 -16.22 9.56
N ASP A 179 -7.63 -15.69 8.36
CA ASP A 179 -8.63 -14.89 7.65
C ASP A 179 -9.31 -13.85 8.58
N LEU A 180 -8.52 -13.28 9.51
CA LEU A 180 -8.88 -12.05 10.21
C LEU A 180 -7.71 -11.06 10.19
N TYR A 181 -8.02 -9.81 9.86
CA TYR A 181 -7.01 -8.77 9.80
C TYR A 181 -7.01 -7.97 11.09
N THR A 182 -5.81 -7.51 11.46
CA THR A 182 -5.64 -6.55 12.54
C THR A 182 -4.77 -5.40 12.04
N LEU A 183 -5.18 -4.17 12.30
CA LEU A 183 -4.28 -3.06 12.10
C LEU A 183 -4.34 -2.10 13.29
N SER A 184 -3.37 -1.19 13.35
CA SER A 184 -3.36 -0.13 14.36
C SER A 184 -2.96 1.19 13.72
N SER A 185 -3.20 2.27 14.46
CA SER A 185 -2.85 3.60 14.04
C SER A 185 -2.48 4.42 15.27
N SER A 186 -1.44 5.23 15.14
CA SER A 186 -1.09 6.15 16.21
C SER A 186 -1.19 7.58 15.74
N VAL A 187 -1.47 8.48 16.68
CA VAL A 187 -1.40 9.91 16.42
C VAL A 187 -0.68 10.58 17.59
N THR A 188 0.16 11.54 17.27
CA THR A 188 0.90 12.27 18.27
C THR A 188 0.47 13.73 18.23
N VAL A 189 0.05 14.25 19.37
CA VAL A 189 -0.34 15.65 19.50
C VAL A 189 0.41 16.26 20.69
N PRO A 190 0.48 17.60 20.78
CA PRO A 190 1.08 18.24 21.96
C PRO A 190 0.31 17.87 23.24
N SER A 191 1.03 17.57 24.31
CA SER A 191 0.38 17.06 25.53
C SER A 191 -0.43 18.11 26.27
N SER A 192 -0.17 19.38 26.00
CA SER A 192 -0.94 20.46 26.60
C SER A 192 -2.32 20.64 25.94
N THR A 193 -2.57 19.94 24.84
CA THR A 193 -3.83 20.07 24.10
C THR A 193 -4.68 18.85 24.29
N TRP A 194 -4.16 17.90 25.05
CA TRP A 194 -4.89 16.68 25.28
C TRP A 194 -4.81 16.35 26.77
N PRO A 195 -5.96 16.03 27.38
CA PRO A 195 -7.23 15.75 26.69
C PRO A 195 -8.17 16.94 26.39
N SER A 196 -7.78 18.19 26.67
CA SER A 196 -8.72 19.30 26.49
C SER A 196 -9.31 19.37 25.08
N GLU A 197 -8.47 19.21 24.06
CA GLU A 197 -8.95 19.11 22.68
C GLU A 197 -9.07 17.66 22.28
N THR A 198 -10.29 17.17 22.14
CA THR A 198 -10.53 15.75 22.01
C THR A 198 -9.98 15.14 20.73
N VAL A 199 -9.68 13.87 20.80
CA VAL A 199 -9.10 13.15 19.70
C VAL A 199 -9.91 11.87 19.55
N THR A 200 -10.36 11.60 18.32
CA THR A 200 -11.20 10.45 18.02
C THR A 200 -10.68 9.71 16.81
N CYS A 201 -10.57 8.39 16.89
N CYS A 201 -10.65 8.39 16.91
CA CYS A 201 -10.23 7.63 15.70
CA CYS A 201 -10.28 7.52 15.79
C CYS A 201 -11.51 7.16 15.00
C CYS A 201 -11.50 7.03 14.99
N ASN A 202 -11.51 7.25 13.67
CA ASN A 202 -12.65 6.90 12.83
C ASN A 202 -12.22 5.79 11.88
N VAL A 203 -12.94 4.67 11.95
CA VAL A 203 -12.56 3.50 11.17
C VAL A 203 -13.72 3.15 10.26
N ALA A 204 -13.46 3.05 8.96
CA ALA A 204 -14.52 2.70 8.01
C ALA A 204 -14.19 1.35 7.39
N HIS A 205 -15.19 0.48 7.26
CA HIS A 205 -15.00 -0.83 6.66
C HIS A 205 -16.08 -1.05 5.59
N PRO A 206 -15.78 -0.69 4.33
CA PRO A 206 -16.81 -0.74 3.27
C PRO A 206 -17.40 -2.14 3.09
N ALA A 207 -16.60 -3.18 3.27
CA ALA A 207 -17.10 -4.53 3.04
C ALA A 207 -18.26 -4.89 3.97
N SER A 208 -18.24 -4.40 5.20
CA SER A 208 -19.38 -4.63 6.08
C SER A 208 -20.26 -3.40 6.14
N SER A 209 -19.95 -2.40 5.31
CA SER A 209 -20.71 -1.15 5.28
C SER A 209 -20.88 -0.59 6.71
N THR A 210 -19.77 -0.51 7.44
CA THR A 210 -19.77 -0.15 8.85
C THR A 210 -18.67 0.88 9.10
N LYS A 211 -18.99 1.91 9.88
CA LYS A 211 -17.97 2.80 10.44
C LYS A 211 -18.12 2.83 11.94
N VAL A 212 -16.99 3.03 12.62
CA VAL A 212 -16.95 3.12 14.08
C VAL A 212 -16.07 4.30 14.48
N ASP A 213 -16.53 5.12 15.42
CA ASP A 213 -15.73 6.22 15.98
C ASP A 213 -15.47 6.00 17.46
N LYS A 214 -14.20 6.04 17.86
CA LYS A 214 -13.87 5.89 19.27
C LYS A 214 -13.08 7.08 19.74
N LYS A 215 -13.65 7.82 20.68
CA LYS A 215 -12.91 8.89 21.33
C LYS A 215 -11.83 8.25 22.20
N ILE A 216 -10.65 8.83 22.19
CA ILE A 216 -9.61 8.39 23.10
C ILE A 216 -9.83 9.10 24.42
N VAL A 217 -10.18 8.35 25.45
CA VAL A 217 -10.40 8.97 26.75
C VAL A 217 -9.32 8.56 27.76
N PRO A 218 -8.91 9.51 28.62
CA PRO A 218 -7.88 9.24 29.65
C PRO A 218 -8.29 8.09 30.55
N ARG A 219 -7.32 7.27 30.96
CA ARG A 219 -7.62 6.06 31.74
C ARG A 219 -7.90 6.38 33.22
N TYR B 1 6.18 -13.69 -25.00
CA TYR B 1 6.13 -13.02 -23.70
C TYR B 1 7.48 -12.41 -23.37
N VAL B 2 7.53 -11.09 -23.34
CA VAL B 2 8.79 -10.39 -23.11
C VAL B 2 9.07 -10.21 -21.62
N VAL B 3 10.15 -10.84 -21.17
CA VAL B 3 10.55 -10.78 -19.76
C VAL B 3 11.31 -9.49 -19.46
N MET B 4 10.80 -8.71 -18.51
CA MET B 4 11.44 -7.46 -18.11
C MET B 4 12.22 -7.71 -16.83
N THR B 5 13.55 -7.69 -16.90
CA THR B 5 14.37 -7.95 -15.72
C THR B 5 14.91 -6.66 -15.17
N GLN B 6 14.44 -6.28 -13.98
CA GLN B 6 14.78 -4.98 -13.42
C GLN B 6 15.73 -5.20 -12.26
N THR B 7 16.81 -4.42 -12.19
CA THR B 7 17.77 -4.50 -11.06
C THR B 7 18.28 -3.12 -10.65
N PRO B 8 18.72 -2.95 -9.39
CA PRO B 8 18.69 -3.93 -8.29
C PRO B 8 17.27 -4.04 -7.76
N LEU B 9 17.02 -4.97 -6.84
CA LEU B 9 15.69 -5.14 -6.27
C LEU B 9 15.39 -3.99 -5.30
N THR B 10 16.40 -3.58 -4.53
CA THR B 10 16.25 -2.47 -3.61
C THR B 10 17.45 -1.57 -3.75
N LEU B 11 17.25 -0.29 -3.54
CA LEU B 11 18.34 0.67 -3.66
C LEU B 11 18.26 1.61 -2.47
N SER B 12 19.39 1.83 -1.81
CA SER B 12 19.44 2.74 -0.68
C SER B 12 20.43 3.85 -0.97
N VAL B 13 19.95 5.07 -1.13
CA VAL B 13 20.79 6.17 -1.59
C VAL B 13 20.57 7.45 -0.78
N THR B 14 21.67 8.15 -0.52
CA THR B 14 21.66 9.39 0.26
C THR B 14 21.18 10.58 -0.57
N ILE B 15 20.40 11.46 0.06
CA ILE B 15 19.94 12.68 -0.58
C ILE B 15 21.12 13.47 -1.18
N GLY B 16 20.96 13.91 -2.43
CA GLY B 16 22.04 14.59 -3.12
C GLY B 16 22.90 13.66 -3.97
N GLN B 17 22.76 12.36 -3.76
CA GLN B 17 23.54 11.37 -4.51
C GLN B 17 22.78 10.78 -5.69
N PRO B 18 23.51 10.31 -6.71
CA PRO B 18 22.85 9.70 -7.87
C PRO B 18 22.29 8.31 -7.58
N ALA B 19 21.21 7.96 -8.26
CA ALA B 19 20.66 6.61 -8.23
C ALA B 19 20.53 6.10 -9.66
N SER B 20 20.64 4.80 -9.84
CA SER B 20 20.58 4.23 -11.18
C SER B 20 19.86 2.88 -11.18
N ILE B 21 18.85 2.75 -12.04
CA ILE B 21 18.10 1.50 -12.11
C ILE B 21 18.22 0.92 -13.50
N SER B 22 18.46 -0.38 -13.56
CA SER B 22 18.56 -1.08 -14.83
C SER B 22 17.30 -1.88 -15.13
N CYS B 23 17.00 -1.98 -16.43
CA CYS B 23 15.86 -2.74 -16.91
C CYS B 23 16.31 -3.44 -18.19
N LYS B 24 16.27 -4.76 -18.19
CA LYS B 24 16.62 -5.53 -19.39
C LYS B 24 15.46 -6.40 -19.85
N SER B 25 15.24 -6.42 -21.16
CA SER B 25 14.14 -7.19 -21.74
C SER B 25 14.71 -8.40 -22.47
N SER B 26 13.87 -9.42 -22.61
CA SER B 26 14.29 -10.66 -23.26
C SER B 26 14.25 -10.56 -24.78
N GLN B 27 13.61 -9.51 -25.30
CA GLN B 27 13.65 -9.20 -26.73
C GLN B 27 13.82 -7.70 -26.93
N SER B 28 14.31 -7.31 -28.09
CA SER B 28 14.38 -5.88 -28.42
C SER B 28 13.02 -5.21 -28.32
N LEU B 29 13.02 -3.98 -27.82
CA LEU B 29 11.80 -3.20 -27.70
C LEU B 29 11.67 -2.20 -28.84
N LEU B 30 12.57 -2.27 -29.81
CA LEU B 30 12.41 -1.47 -31.03
C LEU B 30 11.26 -2.00 -31.89
N ASP B 31 10.18 -1.23 -32.00
CA ASP B 31 9.04 -1.61 -32.85
C ASP B 31 9.39 -1.34 -34.31
N SER B 32 8.61 -1.90 -35.23
CA SER B 32 8.87 -1.71 -36.64
C SER B 32 8.58 -0.28 -37.09
N ASP B 33 7.81 0.46 -36.28
CA ASP B 33 7.53 1.87 -36.56
C ASP B 33 8.72 2.76 -36.20
N GLY B 34 9.80 2.15 -35.74
CA GLY B 34 11.02 2.88 -35.42
C GLY B 34 11.09 3.37 -33.99
N LYS B 35 9.97 3.31 -33.27
CA LYS B 35 9.93 3.78 -31.88
C LYS B 35 10.23 2.65 -30.90
N THR B 36 10.65 3.04 -29.70
CA THR B 36 10.92 2.06 -28.65
C THR B 36 10.04 2.29 -27.42
N TYR B 37 9.11 1.37 -27.20
CA TYR B 37 8.07 1.59 -26.20
C TYR B 37 8.48 1.11 -24.83
N LEU B 38 9.49 1.76 -24.26
CA LEU B 38 9.93 1.50 -22.92
C LEU B 38 9.56 2.64 -21.97
N ASN B 39 8.85 2.31 -20.89
CA ASN B 39 8.29 3.28 -19.96
C ASN B 39 8.77 3.06 -18.54
N TRP B 40 8.80 4.12 -17.73
CA TRP B 40 9.13 4.02 -16.32
C TRP B 40 8.04 4.67 -15.50
N LEU B 41 7.79 4.13 -14.33
CA LEU B 41 6.67 4.51 -13.53
C LEU B 41 7.15 4.57 -12.08
N LEU B 42 6.57 5.46 -11.29
CA LEU B 42 6.89 5.53 -9.87
C LEU B 42 5.65 5.41 -9.01
N GLN B 43 5.66 4.48 -8.07
CA GLN B 43 4.57 4.42 -7.10
C GLN B 43 5.06 4.82 -5.70
N ARG B 44 4.66 6.01 -5.26
CA ARG B 44 5.06 6.52 -3.94
C ARG B 44 4.12 5.92 -2.91
N PRO B 45 4.58 5.79 -1.66
CA PRO B 45 3.73 5.22 -0.61
C PRO B 45 2.38 5.94 -0.52
N GLY B 46 1.32 5.17 -0.40
CA GLY B 46 -0.02 5.74 -0.32
C GLY B 46 -0.51 6.39 -1.60
N GLN B 47 0.16 6.16 -2.72
CA GLN B 47 -0.24 6.79 -3.97
C GLN B 47 -0.42 5.78 -5.09
N SER B 48 -1.16 6.18 -6.11
CA SER B 48 -1.29 5.34 -7.29
C SER B 48 -0.05 5.56 -8.15
N PRO B 49 0.32 4.56 -8.96
CA PRO B 49 1.47 4.72 -9.85
C PRO B 49 1.38 6.00 -10.70
N LYS B 50 2.52 6.64 -10.99
CA LYS B 50 2.54 7.77 -11.91
C LYS B 50 3.65 7.57 -12.91
N ARG B 51 3.36 7.81 -14.19
CA ARG B 51 4.37 7.69 -15.23
C ARG B 51 5.42 8.80 -15.09
N LEU B 52 6.70 8.43 -15.23
CA LEU B 52 7.78 9.41 -15.25
C LEU B 52 8.31 9.59 -16.66
N ILE B 53 8.41 8.47 -17.37
CA ILE B 53 9.14 8.38 -18.63
C ILE B 53 8.36 7.53 -19.62
N TYR B 54 8.34 7.95 -20.89
CA TYR B 54 7.79 7.12 -21.95
C TYR B 54 8.73 7.24 -23.16
N LEU B 55 8.64 6.31 -24.10
CA LEU B 55 9.52 6.30 -25.27
C LEU B 55 11.00 6.44 -24.86
N VAL B 56 11.36 5.68 -23.82
CA VAL B 56 12.72 5.56 -23.31
C VAL B 56 13.23 6.77 -22.52
N SER B 57 13.06 7.97 -23.07
CA SER B 57 13.73 9.15 -22.53
C SER B 57 12.84 10.37 -22.39
N LYS B 58 11.59 10.27 -22.81
CA LYS B 58 10.71 11.44 -22.74
C LYS B 58 10.09 11.59 -21.36
N LEU B 59 10.33 12.73 -20.73
CA LEU B 59 9.81 13.01 -19.39
C LEU B 59 8.34 13.41 -19.43
N ASP B 60 7.57 12.85 -18.51
CA ASP B 60 6.19 13.24 -18.34
C ASP B 60 6.16 14.68 -17.86
N SER B 61 5.07 15.37 -18.15
CA SER B 61 4.90 16.76 -17.76
C SER B 61 5.06 16.93 -16.25
N GLY B 62 5.97 17.81 -15.84
CA GLY B 62 6.17 18.09 -14.43
C GLY B 62 7.18 17.22 -13.72
N VAL B 63 7.74 16.23 -14.42
CA VAL B 63 8.83 15.44 -13.87
C VAL B 63 10.10 16.28 -13.95
N PRO B 64 10.81 16.42 -12.85
CA PRO B 64 12.00 17.29 -12.91
C PRO B 64 13.11 16.69 -13.78
N ASP B 65 14.01 17.55 -14.22
CA ASP B 65 15.07 17.19 -15.15
C ASP B 65 16.16 16.28 -14.58
N ARG B 66 16.18 16.13 -13.26
CA ARG B 66 17.16 15.23 -12.66
C ARG B 66 16.86 13.77 -12.98
N PHE B 67 15.66 13.50 -13.50
CA PHE B 67 15.30 12.18 -14.03
C PHE B 67 15.69 12.09 -15.49
N THR B 68 16.47 11.08 -15.86
CA THR B 68 16.79 10.84 -17.27
C THR B 68 16.75 9.35 -17.61
N GLY B 69 15.99 9.02 -18.65
CA GLY B 69 15.93 7.66 -19.14
C GLY B 69 16.79 7.53 -20.39
N SER B 70 17.41 6.37 -20.54
CA SER B 70 18.25 6.13 -21.70
C SER B 70 18.24 4.64 -22.01
N GLY B 71 18.92 4.28 -23.10
CA GLY B 71 19.01 2.89 -23.52
C GLY B 71 18.46 2.65 -24.90
N SER B 72 18.58 1.41 -25.37
CA SER B 72 18.03 0.99 -26.65
C SER B 72 18.04 -0.53 -26.71
N GLY B 73 17.34 -1.10 -27.68
CA GLY B 73 17.31 -2.53 -27.86
C GLY B 73 16.74 -3.28 -26.67
N THR B 74 17.63 -3.85 -25.86
CA THR B 74 17.21 -4.65 -24.71
C THR B 74 17.74 -4.10 -23.36
N ASP B 75 18.53 -3.04 -23.42
CA ASP B 75 19.17 -2.50 -22.23
C ASP B 75 18.78 -1.05 -21.99
N PHE B 76 18.23 -0.80 -20.81
CA PHE B 76 17.69 0.53 -20.50
C PHE B 76 18.05 0.94 -19.09
N THR B 77 18.16 2.24 -18.87
CA THR B 77 18.53 2.77 -17.57
C THR B 77 17.66 3.95 -17.20
N LEU B 78 17.29 4.02 -15.92
CA LEU B 78 16.77 5.24 -15.34
C LEU B 78 17.83 5.80 -14.40
N LYS B 79 18.25 7.03 -14.64
CA LYS B 79 19.20 7.68 -13.74
C LYS B 79 18.55 8.87 -13.04
N ILE B 80 18.73 8.94 -11.73
CA ILE B 80 18.41 10.15 -10.99
C ILE B 80 19.71 10.80 -10.53
N SER B 81 19.95 12.03 -10.99
CA SER B 81 21.26 12.66 -10.82
C SER B 81 21.51 13.13 -9.38
N ARG B 82 20.43 13.54 -8.71
CA ARG B 82 20.52 14.24 -7.44
C ARG B 82 19.24 13.92 -6.69
N ILE B 83 19.31 12.87 -5.88
CA ILE B 83 18.16 12.30 -5.19
C ILE B 83 17.55 13.25 -4.17
N GLU B 84 16.22 13.36 -4.18
CA GLU B 84 15.50 14.09 -3.14
C GLU B 84 14.60 13.10 -2.40
N ALA B 85 14.14 13.49 -1.21
CA ALA B 85 13.35 12.59 -0.39
C ALA B 85 12.05 12.17 -1.07
N GLU B 86 11.48 13.07 -1.87
CA GLU B 86 10.24 12.80 -2.60
C GLU B 86 10.38 11.70 -3.65
N ASP B 87 11.61 11.27 -3.92
CA ASP B 87 11.84 10.27 -4.96
C ASP B 87 11.66 8.83 -4.47
N LEU B 88 11.46 8.67 -3.17
CA LEU B 88 11.39 7.32 -2.59
C LEU B 88 10.14 6.58 -3.06
N GLY B 89 10.23 5.26 -3.14
CA GLY B 89 9.07 4.46 -3.51
C GLY B 89 9.43 3.34 -4.47
N LEU B 90 8.44 2.81 -5.18
CA LEU B 90 8.64 1.70 -6.08
C LEU B 90 8.69 2.14 -7.56
N TYR B 91 9.81 1.86 -8.22
CA TYR B 91 9.99 2.17 -9.64
C TYR B 91 9.79 0.90 -10.47
N TYR B 92 9.04 1.03 -11.56
CA TYR B 92 8.82 -0.08 -12.48
C TYR B 92 9.11 0.39 -13.90
N CYS B 93 9.85 -0.41 -14.67
CA CYS B 93 9.83 -0.25 -16.11
C CYS B 93 8.71 -1.16 -16.65
N TRP B 94 8.26 -0.88 -17.86
CA TRP B 94 7.32 -1.78 -18.52
C TRP B 94 7.37 -1.49 -20.00
N GLN B 95 7.07 -2.50 -20.81
CA GLN B 95 7.22 -2.40 -22.25
C GLN B 95 5.88 -2.44 -22.98
N GLY B 96 5.73 -1.58 -23.98
CA GLY B 96 4.53 -1.55 -24.78
C GLY B 96 4.82 -1.89 -26.25
N THR B 97 5.95 -2.53 -26.49
CA THR B 97 6.31 -2.96 -27.85
C THR B 97 5.64 -4.27 -28.26
N HIS B 98 5.68 -5.29 -27.40
CA HIS B 98 5.06 -6.59 -27.77
C HIS B 98 3.84 -6.92 -26.94
N PHE B 99 3.01 -7.79 -27.46
CA PHE B 99 1.86 -8.28 -26.74
C PHE B 99 2.21 -9.57 -26.04
N PRO B 100 1.82 -9.70 -24.77
CA PRO B 100 1.12 -8.72 -23.94
C PRO B 100 2.09 -7.71 -23.30
N ARG B 101 1.58 -6.61 -22.76
CA ARG B 101 2.45 -5.70 -22.05
C ARG B 101 2.96 -6.38 -20.77
N THR B 102 4.22 -6.15 -20.45
CA THR B 102 4.87 -6.78 -19.30
C THR B 102 5.62 -5.73 -18.49
N PHE B 103 5.69 -5.96 -17.18
CA PHE B 103 6.28 -5.04 -16.23
C PHE B 103 7.52 -5.65 -15.60
N GLY B 104 8.52 -4.83 -15.30
CA GLY B 104 9.61 -5.28 -14.47
C GLY B 104 9.09 -5.57 -13.07
N GLY B 105 9.88 -6.26 -12.25
CA GLY B 105 9.43 -6.63 -10.92
C GLY B 105 9.48 -5.48 -9.93
N GLY B 106 9.94 -4.31 -10.37
CA GLY B 106 10.06 -3.16 -9.49
C GLY B 106 11.36 -3.04 -8.72
N THR B 107 11.72 -1.80 -8.40
CA THR B 107 12.90 -1.51 -7.59
C THR B 107 12.42 -0.58 -6.48
N LYS B 108 12.64 -0.98 -5.24
CA LYS B 108 12.28 -0.13 -4.10
C LYS B 108 13.44 0.80 -3.79
N LEU B 109 13.20 2.09 -3.92
CA LEU B 109 14.20 3.09 -3.56
C LEU B 109 13.95 3.63 -2.17
N GLU B 110 14.97 3.54 -1.33
CA GLU B 110 14.92 4.01 0.03
C GLU B 110 15.89 5.17 0.15
N ILE B 111 15.53 6.17 0.95
CA ILE B 111 16.45 7.24 1.27
C ILE B 111 17.31 6.81 2.46
N LYS B 112 18.63 6.91 2.29
CA LYS B 112 19.58 6.54 3.31
C LYS B 112 19.84 7.76 4.18
N ARG B 113 19.70 7.60 5.50
CA ARG B 113 20.00 8.68 6.43
C ARG B 113 20.71 8.07 7.63
N ALA B 114 21.08 8.91 8.59
CA ALA B 114 21.68 8.43 9.84
C ALA B 114 20.69 7.61 10.67
N ASP B 115 21.19 6.59 11.36
CA ASP B 115 20.37 5.80 12.30
C ASP B 115 19.63 6.70 13.30
N ALA B 116 18.36 6.38 13.57
CA ALA B 116 17.58 7.16 14.51
C ALA B 116 16.84 6.17 15.38
N ALA B 117 16.89 6.36 16.69
CA ALA B 117 16.21 5.45 17.62
C ALA B 117 14.69 5.75 17.68
N PRO B 118 13.88 4.71 17.94
CA PRO B 118 12.45 5.00 17.94
C PRO B 118 12.01 5.70 19.21
N THR B 119 10.93 6.45 19.10
CA THR B 119 10.19 6.90 20.26
C THR B 119 9.16 5.81 20.56
N VAL B 120 9.21 5.23 21.74
CA VAL B 120 8.42 4.05 22.05
C VAL B 120 7.27 4.42 22.99
N SER B 121 6.09 3.91 22.68
CA SER B 121 4.90 4.10 23.52
C SER B 121 4.26 2.76 23.76
N ILE B 122 3.89 2.47 25.00
CA ILE B 122 3.26 1.19 25.30
C ILE B 122 1.84 1.43 25.78
N PHE B 123 0.92 0.53 25.46
CA PHE B 123 -0.49 0.69 25.82
C PHE B 123 -1.03 -0.64 26.35
N PRO B 124 -1.61 -0.63 27.55
CA PRO B 124 -2.25 -1.83 28.11
C PRO B 124 -3.55 -2.11 27.36
N PRO B 125 -4.09 -3.34 27.46
CA PRO B 125 -5.39 -3.64 26.84
C PRO B 125 -6.45 -2.59 27.21
N SER B 126 -7.33 -2.27 26.27
CA SER B 126 -8.48 -1.42 26.58
C SER B 126 -9.48 -2.23 27.39
N SER B 127 -10.30 -1.54 28.19
CA SER B 127 -11.27 -2.25 29.03
C SER B 127 -12.34 -2.90 28.18
N GLU B 128 -12.61 -2.33 27.02
CA GLU B 128 -13.58 -2.92 26.09
C GLU B 128 -13.11 -4.28 25.54
N GLN B 129 -11.84 -4.38 25.14
CA GLN B 129 -11.32 -5.64 24.61
C GLN B 129 -11.34 -6.73 25.69
N LEU B 130 -10.94 -6.34 26.90
CA LEU B 130 -10.92 -7.25 28.04
C LEU B 130 -12.27 -7.90 28.29
N THR B 131 -13.35 -7.16 28.08
CA THR B 131 -14.70 -7.66 28.26
C THR B 131 -14.99 -8.84 27.31
N SER B 132 -14.41 -8.81 26.12
CA SER B 132 -14.65 -9.89 25.17
C SER B 132 -13.62 -11.04 25.29
N GLY B 133 -12.75 -10.98 26.29
CA GLY B 133 -11.82 -12.07 26.52
C GLY B 133 -10.42 -11.90 25.95
N GLY B 134 -10.19 -10.79 25.24
CA GLY B 134 -8.89 -10.54 24.62
C GLY B 134 -8.07 -9.47 25.33
N ALA B 135 -6.76 -9.52 25.13
CA ALA B 135 -5.87 -8.59 25.81
C ALA B 135 -4.64 -8.32 24.97
N SER B 136 -4.75 -7.37 24.07
CA SER B 136 -3.63 -6.98 23.25
C SER B 136 -2.88 -5.87 23.95
N VAL B 137 -1.58 -6.06 24.12
CA VAL B 137 -0.72 -4.99 24.60
C VAL B 137 -0.01 -4.42 23.36
N VAL B 138 -0.11 -3.11 23.17
CA VAL B 138 0.42 -2.47 21.97
C VAL B 138 1.63 -1.60 22.26
N CYS B 139 2.62 -1.73 21.39
CA CYS B 139 3.84 -0.94 21.46
C CYS B 139 3.99 -0.27 20.11
N PHE B 140 4.07 1.06 20.10
CA PHE B 140 4.37 1.81 18.87
C PHE B 140 5.82 2.23 18.92
N LEU B 141 6.54 1.98 17.85
CA LEU B 141 7.91 2.46 17.68
C LEU B 141 7.88 3.48 16.56
N ASN B 142 7.97 4.77 16.90
CA ASN B 142 7.79 5.79 15.89
C ASN B 142 9.09 6.48 15.48
N ASN B 143 9.24 6.66 14.17
CA ASN B 143 10.27 7.54 13.62
C ASN B 143 11.68 7.08 13.85
N PHE B 144 11.99 5.88 13.36
CA PHE B 144 13.33 5.34 13.52
C PHE B 144 13.93 5.03 12.15
N TYR B 145 15.21 4.70 12.15
CA TYR B 145 15.92 4.30 10.94
C TYR B 145 17.16 3.51 11.40
N PRO B 146 17.51 2.43 10.67
CA PRO B 146 16.81 1.86 9.52
C PRO B 146 15.61 1.02 9.89
N LYS B 147 15.01 0.40 8.89
CA LYS B 147 13.71 -0.25 9.04
C LYS B 147 13.83 -1.51 9.92
N ASP B 148 14.98 -2.16 9.79
CA ASP B 148 15.25 -3.49 10.36
C ASP B 148 15.42 -3.54 11.88
N ILE B 149 14.44 -3.05 12.62
CA ILE B 149 14.58 -2.97 14.08
C ILE B 149 14.02 -4.24 14.76
N ASN B 150 14.53 -4.58 15.93
CA ASN B 150 14.00 -5.76 16.66
C ASN B 150 13.13 -5.36 17.86
N VAL B 151 12.03 -6.07 18.04
CA VAL B 151 11.16 -5.83 19.19
C VAL B 151 11.15 -7.07 20.07
N LYS B 152 11.37 -6.86 21.36
CA LYS B 152 11.33 -7.96 22.31
C LYS B 152 10.27 -7.67 23.37
N TRP B 153 9.41 -8.65 23.62
CA TRP B 153 8.38 -8.52 24.65
C TRP B 153 8.79 -9.34 25.87
N LYS B 154 8.53 -8.80 27.06
CA LYS B 154 8.74 -9.55 28.29
C LYS B 154 7.47 -9.50 29.11
N ILE B 155 7.19 -10.59 29.80
CA ILE B 155 6.11 -10.65 30.78
C ILE B 155 6.71 -11.14 32.08
N ASP B 156 6.61 -10.32 33.13
CA ASP B 156 7.24 -10.62 34.40
C ASP B 156 8.71 -11.02 34.21
N GLY B 157 9.41 -10.32 33.33
CA GLY B 157 10.85 -10.50 33.19
C GLY B 157 11.27 -11.57 32.22
N SER B 158 10.31 -12.30 31.65
CA SER B 158 10.62 -13.39 30.72
C SER B 158 10.13 -13.12 29.30
N GLU B 159 11.03 -13.33 28.33
CA GLU B 159 10.73 -13.12 26.91
C GLU B 159 9.49 -13.89 26.52
N ARG B 160 8.64 -13.23 25.75
CA ARG B 160 7.46 -13.85 25.20
C ARG B 160 7.53 -13.70 23.69
N GLN B 161 7.48 -14.83 22.98
CA GLN B 161 7.59 -14.80 21.52
C GLN B 161 6.28 -15.08 20.78
N ASN B 162 5.45 -15.97 21.33
CA ASN B 162 4.19 -16.30 20.68
C ASN B 162 3.12 -15.22 20.83
N GLY B 163 2.32 -15.04 19.79
CA GLY B 163 1.22 -14.11 19.85
C GLY B 163 1.63 -12.68 19.60
N VAL B 164 2.80 -12.49 19.00
CA VAL B 164 3.28 -11.14 18.67
C VAL B 164 3.07 -10.87 17.19
N LEU B 165 2.45 -9.73 16.88
CA LEU B 165 2.25 -9.32 15.49
C LEU B 165 2.85 -7.93 15.22
N ASN B 166 3.66 -7.84 14.16
CA ASN B 166 4.46 -6.66 13.88
C ASN B 166 4.11 -6.16 12.52
N SER B 167 4.13 -4.85 12.38
CA SER B 167 3.76 -4.27 11.11
C SER B 167 4.49 -2.94 10.90
N TRP B 168 5.16 -2.79 9.76
CA TRP B 168 5.94 -1.59 9.45
C TRP B 168 5.25 -0.69 8.43
N THR B 169 5.34 0.63 8.62
CA THR B 169 4.94 1.57 7.58
C THR B 169 5.98 1.55 6.48
N ASP B 170 5.64 2.14 5.32
CA ASP B 170 6.68 2.49 4.35
C ASP B 170 7.51 3.68 4.88
N GLN B 171 8.52 4.09 4.12
CA GLN B 171 9.38 5.19 4.54
C GLN B 171 8.63 6.54 4.47
N ASP B 172 8.78 7.37 5.50
CA ASP B 172 8.18 8.70 5.55
C ASP B 172 9.03 9.66 4.74
N SER B 173 8.45 10.33 3.74
CA SER B 173 9.25 11.28 2.96
C SER B 173 9.61 12.55 3.74
N LYS B 174 8.84 12.85 4.79
CA LYS B 174 9.12 13.98 5.67
C LYS B 174 10.55 13.96 6.23
N ASP B 175 10.91 12.85 6.86
CA ASP B 175 12.17 12.77 7.61
C ASP B 175 12.93 11.49 7.29
N SER B 176 12.44 10.73 6.31
CA SER B 176 13.09 9.50 5.84
C SER B 176 13.13 8.37 6.88
N THR B 177 12.22 8.41 7.85
CA THR B 177 12.17 7.35 8.86
C THR B 177 11.07 6.35 8.61
N TYR B 178 11.02 5.34 9.47
CA TYR B 178 9.97 4.33 9.47
C TYR B 178 9.31 4.35 10.84
N SER B 179 8.15 3.73 10.92
CA SER B 179 7.48 3.49 12.18
C SER B 179 6.98 2.07 12.10
N MET B 180 6.75 1.45 13.25
CA MET B 180 6.14 0.13 13.23
C MET B 180 5.35 -0.09 14.50
N SER B 181 4.44 -1.03 14.43
CA SER B 181 3.58 -1.36 15.57
C SER B 181 3.86 -2.81 15.94
N SER B 182 4.01 -3.08 17.23
CA SER B 182 4.10 -4.46 17.70
C SER B 182 2.96 -4.75 18.67
N THR B 183 2.18 -5.79 18.41
CA THR B 183 1.07 -6.13 19.29
C THR B 183 1.25 -7.53 19.89
N LEU B 184 1.27 -7.60 21.22
CA LEU B 184 1.28 -8.88 21.91
C LEU B 184 -0.15 -9.24 22.31
N THR B 185 -0.70 -10.29 21.73
CA THR B 185 -2.09 -10.64 22.04
C THR B 185 -2.21 -11.87 22.92
N LEU B 186 -2.75 -11.65 24.11
CA LEU B 186 -3.00 -12.71 25.09
C LEU B 186 -4.49 -12.83 25.25
N THR B 187 -4.93 -13.85 25.98
CA THR B 187 -6.30 -13.86 26.46
C THR B 187 -6.32 -13.02 27.73
N LYS B 188 -7.50 -12.59 28.15
CA LYS B 188 -7.62 -11.84 29.39
C LYS B 188 -7.21 -12.73 30.57
N ASP B 189 -7.56 -14.01 30.47
CA ASP B 189 -7.23 -14.99 31.49
C ASP B 189 -5.74 -14.96 31.81
N GLU B 190 -4.90 -15.04 30.77
CA GLU B 190 -3.46 -15.01 30.96
C GLU B 190 -2.99 -13.63 31.38
N TYR B 191 -3.56 -12.60 30.75
CA TYR B 191 -3.15 -11.22 31.02
C TYR B 191 -3.29 -10.89 32.50
N GLU B 192 -4.40 -11.34 33.08
CA GLU B 192 -4.69 -11.03 34.48
C GLU B 192 -3.92 -11.87 35.50
N ARG B 193 -3.11 -12.81 35.02
CA ARG B 193 -2.31 -13.61 35.93
C ARG B 193 -0.90 -13.07 36.11
N HIS B 194 -0.56 -12.07 35.32
CA HIS B 194 0.79 -11.50 35.35
C HIS B 194 0.78 -10.01 35.70
N ASN B 195 1.93 -9.49 36.13
CA ASN B 195 1.98 -8.09 36.56
C ASN B 195 2.67 -7.12 35.60
N SER B 196 3.92 -7.41 35.25
CA SER B 196 4.69 -6.47 34.44
CA SER B 196 4.73 -6.50 34.45
C SER B 196 4.77 -6.89 32.98
N TYR B 197 4.62 -5.89 32.11
CA TYR B 197 4.66 -6.06 30.66
C TYR B 197 5.64 -5.06 30.06
N THR B 198 6.56 -5.56 29.24
CA THR B 198 7.64 -4.73 28.71
C THR B 198 7.83 -4.93 27.22
N CYS B 199 8.01 -3.85 26.48
CA CYS B 199 8.52 -3.98 25.12
C CYS B 199 9.86 -3.29 25.01
N GLU B 200 10.78 -3.91 24.27
CA GLU B 200 12.13 -3.38 24.11
C GLU B 200 12.47 -3.33 22.65
N ALA B 201 13.12 -2.25 22.24
CA ALA B 201 13.46 -2.05 20.85
C ALA B 201 14.93 -1.75 20.69
N THR B 202 15.54 -2.39 19.69
CA THR B 202 16.90 -2.08 19.27
C THR B 202 17.19 -2.63 17.87
N HIS B 203 18.21 -2.08 17.20
CA HIS B 203 18.65 -2.61 15.90
C HIS B 203 19.67 -3.72 16.01
N LYS B 204 20.41 -3.75 17.12
CA LYS B 204 21.54 -4.65 17.27
C LYS B 204 21.88 -4.93 18.73
N THR B 207 24.21 -2.74 21.77
CA THR B 207 23.38 -1.54 21.95
C THR B 207 22.17 -1.80 22.85
N SER B 208 22.16 -1.15 24.01
CA SER B 208 21.10 -1.31 24.99
C SER B 208 19.78 -0.75 24.47
N PRO B 209 18.68 -1.48 24.70
CA PRO B 209 17.44 -1.18 24.00
C PRO B 209 16.69 0.00 24.60
N ILE B 210 15.77 0.55 23.83
CA ILE B 210 14.80 1.49 24.35
C ILE B 210 13.65 0.68 24.94
N VAL B 211 13.31 0.96 26.19
CA VAL B 211 12.43 0.09 26.96
C VAL B 211 11.20 0.81 27.52
N LYS B 212 10.02 0.27 27.29
CA LYS B 212 8.83 0.82 27.92
C LYS B 212 8.12 -0.31 28.65
N SER B 213 7.65 -0.01 29.85
CA SER B 213 7.05 -1.02 30.70
C SER B 213 5.88 -0.47 31.50
N PHE B 214 4.89 -1.31 31.82
CA PHE B 214 3.89 -0.96 32.82
C PHE B 214 3.60 -2.14 33.75
N ASN B 215 3.02 -1.84 34.90
CA ASN B 215 2.54 -2.87 35.81
C ASN B 215 1.04 -2.88 35.80
N ARG B 216 0.46 -4.06 35.60
CA ARG B 216 -0.97 -4.22 35.65
C ARG B 216 -1.46 -3.88 37.05
N ASP C 1 0.35 -2.45 -23.90
CA ASP C 1 0.14 -1.24 -24.69
C ASP C 1 0.17 -1.53 -26.18
N ALA C 2 0.95 -2.54 -26.58
CA ALA C 2 1.13 -2.85 -28.00
C ALA C 2 -0.20 -3.11 -28.72
N GLU C 3 -1.17 -3.61 -27.97
CA GLU C 3 -2.47 -3.99 -28.52
C GLU C 3 -3.28 -2.80 -29.04
N PHE C 4 -3.04 -1.61 -28.48
CA PHE C 4 -3.74 -0.41 -28.90
C PHE C 4 -3.18 0.13 -30.20
N ARG C 5 -1.94 -0.24 -30.50
CA ARG C 5 -1.30 0.13 -31.75
C ARG C 5 -1.56 -0.93 -32.82
ZN ZN D . -19.24 7.84 12.48
ZN ZN E . -1.48 -15.82 -24.88
ZN ZN F . 5.73 10.26 10.20
ZN ZN G . -19.30 2.92 3.61
ZN ZN H . -16.41 13.00 15.29
ZN ZN I . -7.64 -16.20 3.04
ZN ZN J . -3.23 -3.24 -26.59
ZN ZN K . -5.91 -12.45 -27.68
ZN ZN L . -6.33 3.33 -30.01
ZN ZN M . -13.02 -0.80 -2.47
ZN ZN N . -16.58 -1.57 19.78
ZN ZN O . -0.33 -12.92 -11.08
ZN ZN P . -0.10 -13.29 -19.59
N1 IMD Q . -20.69 3.22 5.14
C2 IMD Q . -21.57 4.13 4.63
N3 IMD Q . -22.53 4.36 5.55
C4 IMD Q . -22.25 3.61 6.64
C5 IMD Q . -21.09 2.88 6.38
N1 IMD R . -2.88 -14.63 -25.75
C2 IMD R . -3.50 -14.47 -26.93
N3 IMD R . -4.57 -13.67 -26.75
C4 IMD R . -4.62 -13.30 -25.46
C5 IMD R . -3.54 -13.91 -24.82
CL CL S . -17.61 2.35 4.92
CL CL T . -20.05 1.25 2.36
CL CL U . -14.27 12.95 14.68
CL CL V . -17.10 10.91 15.46
CL CL W . -7.22 -11.30 -26.34
ZN ZN X . 6.27 -9.13 -30.44
ZN ZN Y . 1.24 -16.98 32.08
ZN ZN Z . 23.20 1.37 11.67
ZN ZN AA . 18.94 1.76 16.71
ZN ZN BA . 9.42 -5.63 -1.90
ZN ZN CA . 5.65 0.74 -0.62
ZN ZN DA . 5.94 12.46 -8.71
ZN ZN EA . 16.43 -6.58 27.20
ZN ZN FA . 14.06 19.66 -6.66
ZN ZN GA . -0.98 2.83 33.22
ZN ZN HA . 9.49 -7.05 34.22
ZN ZN IA . 11.36 12.95 12.12
ZN ZN JA . 4.43 -1.95 -33.90
ZN ZN KA . 7.02 9.29 11.08
N1 IMD LA . 9.81 -5.14 -3.83
C2 IMD LA . 9.08 -5.35 -4.95
N3 IMD LA . 9.85 -5.11 -6.03
C4 IMD LA . 11.08 -4.73 -5.59
C5 IMD LA . 11.06 -4.75 -4.21
CL CL MA . 19.45 3.83 16.32
CL CL NA . 17.46 1.50 18.33
CL CL OA . 7.51 1.84 -1.20
CL CL PA . -0.71 -17.85 32.60
CL CL QA . 0.89 -16.27 29.99
CL CL RA . 8.49 -7.39 32.27
#